data_8ZVX
#
_entry.id   8ZVX
#
_cell.length_a   39.262
_cell.length_b   59.738
_cell.length_c   193.702
_cell.angle_alpha   90.00
_cell.angle_beta   90.00
_cell.angle_gamma   90.00
#
_symmetry.space_group_name_H-M   'P 21 21 21'
#
loop_
_entity.id
_entity.type
_entity.pdbx_description
1 polymer 'snFPITE-n2 A chain'
2 polymer 'snFPITE-n2 B chain'
3 non-polymer 'phenylmethanesulfonic acid'
4 non-polymer 'SULFATE ION'
5 non-polymer GLYCEROL
6 non-polymer 'PENTAETHYLENE GLYCOL'
7 water water
#
loop_
_entity_poly.entity_id
_entity_poly.type
_entity_poly.pdbx_seq_one_letter_code
_entity_poly.pdbx_strand_id
1 'polypeptide(L)'
;IVGGQDATRGMFPYQLSLQHMGLLWYHTCGAVLLGANKALTAAHCTEGRAGFQVLAGAHVLSAGDQEQSSKVVTVTEHPD
FDRFALGIPNDVATMALETAINAAGNVGYATLAVANAPDFAGDQARLSGWGKLLGADDLIADTLQYVVTTIRSTADCNSR
MPEHIQFVMDQHICVHSDAGDTGSCQGDSGGPMTHGASGSGNVIGVTSWGIGNAFESCLPDYPSVYARVSYFRAWIDAN
;
A
2 'polypeptide(L)'
;IVGGQDATRGMFPYQLSLQHMGAGWYHTCGAILLAANKALTAAHCTEGREGFRVLAGAHVLPANDQEQESDVASVTEHPE
FDRFGPGIPNDVATMALATAINAAGNVGYATLAAANAPDYAGDQARLSGWGKLHGADDGIADTLQYVVTTVRSTADCNAR
MPEHIQNVMDQHICVHSDTGTTGSCQGDSGGPMTHGASGSGNVIGVTSWGIGNPVESCLPDFPSVYARVSYFRAWIDAN
;
B
#
loop_
_chem_comp.id
_chem_comp.type
_chem_comp.name
_chem_comp.formula
1PE non-polymer 'PENTAETHYLENE GLYCOL' 'C10 H22 O6'
GOL non-polymer GLYCEROL 'C3 H8 O3'
PMS non-polymer 'phenylmethanesulfonic acid' 'C7 H8 O3 S'
SO4 non-polymer 'SULFATE ION' 'O4 S -2'
#
# COMPACT_ATOMS: atom_id res chain seq x y z
N ILE A 1 -1.85 5.55 -5.74
CA ILE A 1 -0.46 5.12 -6.01
C ILE A 1 -0.29 3.71 -5.50
N VAL A 2 0.15 2.79 -6.35
CA VAL A 2 0.43 1.40 -5.97
C VAL A 2 1.92 1.22 -5.77
N GLY A 3 2.29 0.54 -4.67
CA GLY A 3 3.68 0.20 -4.42
C GLY A 3 4.46 1.29 -3.71
N GLY A 4 3.78 2.33 -3.25
CA GLY A 4 4.41 3.48 -2.66
C GLY A 4 4.23 3.54 -1.14
N GLN A 5 4.38 4.75 -0.60
CA GLN A 5 4.36 4.93 0.85
C GLN A 5 3.74 6.29 1.13
N ASP A 6 3.40 6.53 2.40
CA ASP A 6 2.98 7.87 2.81
C ASP A 6 4.04 8.91 2.44
N ALA A 7 3.60 9.98 1.77
CA ALA A 7 4.43 11.18 1.65
C ALA A 7 4.39 11.99 2.94
N THR A 8 5.21 13.03 2.99
CA THR A 8 5.08 14.03 4.05
C THR A 8 4.38 15.26 3.49
N ARG A 9 3.73 16.01 4.38
CA ARG A 9 3.14 17.28 3.94
C ARG A 9 4.24 18.21 3.44
N GLY A 10 4.00 18.84 2.30
CA GLY A 10 4.98 19.73 1.70
C GLY A 10 6.07 19.06 0.90
N MET A 11 6.06 17.73 0.87
CA MET A 11 7.06 16.96 0.08
C MET A 11 6.91 17.40 -1.39
N PHE A 12 5.66 17.52 -1.83
CA PHE A 12 5.30 17.96 -3.18
C PHE A 12 4.49 19.23 -3.00
N PRO A 13 5.15 20.40 -2.93
CA PRO A 13 4.44 21.64 -2.54
C PRO A 13 3.28 22.02 -3.48
N TYR A 14 3.34 21.58 -4.75
CA TYR A 14 2.39 21.89 -5.79
C TYR A 14 1.33 20.82 -5.95
N GLN A 15 1.38 19.73 -5.17
CA GLN A 15 0.34 18.71 -5.27
C GLN A 15 -0.96 19.25 -4.69
N LEU A 16 -2.04 19.18 -5.49
CA LEU A 16 -3.39 19.54 -5.05
C LEU A 16 -4.29 18.31 -5.03
N SER A 17 -5.31 18.39 -4.20
CA SER A 17 -6.47 17.51 -4.32
C SER A 17 -7.55 18.27 -5.06
N LEU A 18 -7.97 17.75 -6.22
CA LEU A 18 -9.06 18.34 -6.98
C LEU A 18 -10.35 17.68 -6.52
N GLN A 19 -11.22 18.48 -5.90
CA GLN A 19 -12.47 18.01 -5.34
C GLN A 19 -13.61 18.38 -6.26
N HIS A 20 -14.59 17.49 -6.35
CA HIS A 20 -15.80 17.70 -7.13
C HIS A 20 -16.96 17.67 -6.16
N MET A 21 -17.97 18.50 -6.42
CA MET A 21 -19.12 18.56 -5.53
C MET A 21 -20.14 17.60 -6.07
N GLY A 22 -20.40 16.54 -5.29
CA GLY A 22 -21.49 15.62 -5.56
C GLY A 22 -22.43 15.73 -4.38
N LEU A 23 -22.61 14.63 -3.64
CA LEU A 23 -23.34 14.66 -2.39
C LEU A 23 -22.75 15.66 -1.41
N LEU A 24 -21.44 15.57 -1.23
CA LEU A 24 -20.60 16.54 -0.52
C LEU A 24 -19.29 16.61 -1.31
N TRP A 25 -18.33 17.43 -0.87
CA TRP A 25 -17.06 17.49 -1.62
C TRP A 25 -16.38 16.12 -1.52
N TYR A 26 -15.78 15.69 -2.62
CA TYR A 26 -14.96 14.48 -2.58
C TYR A 26 -13.77 14.63 -3.53
N HIS A 27 -12.67 13.97 -3.16
CA HIS A 27 -11.50 13.93 -4.01
C HIS A 27 -11.80 13.13 -5.29
N THR A 28 -11.61 13.77 -6.45
CA THR A 28 -11.84 13.12 -7.74
C THR A 28 -10.55 12.93 -8.55
N CYS A 29 -9.52 13.74 -8.30
CA CYS A 29 -8.33 13.76 -9.16
C CYS A 29 -7.26 14.51 -8.41
N GLY A 30 -6.03 14.31 -8.84
CA GLY A 30 -5.00 15.25 -8.49
C GLY A 30 -5.03 16.48 -9.37
N ALA A 31 -4.23 17.45 -8.97
CA ALA A 31 -3.94 18.60 -9.81
C ALA A 31 -2.60 19.17 -9.36
N VAL A 32 -2.10 20.13 -10.14
CA VAL A 32 -0.77 20.72 -9.96
C VAL A 32 -0.90 22.23 -9.87
N LEU A 33 -0.48 22.82 -8.75
CA LEU A 33 -0.55 24.29 -8.59
C LEU A 33 0.51 24.98 -9.43
N LEU A 34 0.09 25.88 -10.33
CA LEU A 34 1.02 26.60 -11.21
C LEU A 34 1.33 28.01 -10.77
N GLY A 35 0.39 28.66 -10.09
CA GLY A 35 0.56 30.04 -9.64
C GLY A 35 -0.58 30.40 -8.71
N ALA A 36 -0.60 31.67 -8.29
CA ALA A 36 -1.59 32.05 -7.30
C ALA A 36 -3.02 31.72 -7.72
N ASN A 37 -3.35 31.80 -9.03
CA ASN A 37 -4.74 31.63 -9.44
C ASN A 37 -4.87 30.64 -10.59
N LYS A 38 -3.92 29.68 -10.65
CA LYS A 38 -3.91 28.80 -11.81
C LYS A 38 -3.42 27.41 -11.41
N ALA A 39 -4.12 26.38 -11.90
CA ALA A 39 -3.76 25.00 -11.69
C ALA A 39 -3.88 24.21 -13.00
N LEU A 40 -3.26 23.03 -12.98
CA LEU A 40 -3.17 22.11 -14.10
C LEU A 40 -3.71 20.74 -13.67
N THR A 41 -4.46 20.11 -14.55
CA THR A 41 -4.94 18.74 -14.26
C THR A 41 -5.10 18.01 -15.59
N ALA A 42 -5.69 16.80 -15.56
CA ALA A 42 -5.98 16.09 -16.79
C ALA A 42 -7.32 16.55 -17.33
N ALA A 43 -7.43 16.61 -18.66
CA ALA A 43 -8.71 16.97 -19.26
C ALA A 43 -9.83 16.01 -18.85
N HIS A 44 -9.54 14.71 -18.71
CA HIS A 44 -10.66 13.84 -18.38
C HIS A 44 -11.20 14.08 -16.97
N CYS A 45 -10.42 14.77 -16.11
CA CYS A 45 -10.90 15.13 -14.77
C CYS A 45 -11.95 16.25 -14.80
N THR A 46 -11.91 17.13 -15.80
CA THR A 46 -12.83 18.27 -15.78
C THR A 46 -13.81 18.28 -16.94
N GLU A 47 -13.54 17.57 -18.03
CA GLU A 47 -14.42 17.61 -19.19
C GLU A 47 -15.84 17.22 -18.81
N GLY A 48 -16.79 18.06 -19.23
CA GLY A 48 -18.21 17.78 -19.03
C GLY A 48 -18.70 17.95 -17.63
N ARG A 49 -17.86 18.41 -16.71
CA ARG A 49 -18.22 18.57 -15.31
C ARG A 49 -17.97 20.01 -14.89
N ALA A 50 -18.49 20.35 -13.70
CA ALA A 50 -18.37 21.70 -13.16
C ALA A 50 -18.50 21.62 -11.64
N GLY A 51 -18.07 22.70 -10.96
CA GLY A 51 -18.20 22.74 -9.51
C GLY A 51 -17.05 22.04 -8.78
N PHE A 52 -15.88 22.66 -8.85
CA PHE A 52 -14.65 22.10 -8.33
C PHE A 52 -14.02 23.02 -7.29
N GLN A 53 -13.18 22.44 -6.43
CA GLN A 53 -12.28 23.22 -5.57
C GLN A 53 -10.96 22.47 -5.48
N VAL A 54 -9.87 23.19 -5.14
CA VAL A 54 -8.57 22.55 -4.93
C VAL A 54 -8.15 22.76 -3.47
N LEU A 55 -7.56 21.70 -2.90
CA LEU A 55 -6.96 21.75 -1.56
C LEU A 55 -5.43 21.72 -1.68
N ALA A 56 -4.76 22.71 -1.07
CA ALA A 56 -3.31 22.87 -1.14
C ALA A 56 -2.68 22.65 0.23
N GLY A 57 -1.48 22.04 0.24
CA GLY A 57 -0.83 21.69 1.49
C GLY A 57 -1.63 20.71 2.31
N ALA A 58 -2.35 19.80 1.67
CA ALA A 58 -3.09 18.75 2.37
C ALA A 58 -2.21 17.54 2.61
N HIS A 59 -2.71 16.65 3.45
CA HIS A 59 -1.92 15.45 3.72
C HIS A 59 -2.84 14.24 3.89
N VAL A 60 -3.62 14.20 4.96
CA VAL A 60 -4.58 13.13 5.19
C VAL A 60 -5.95 13.71 4.87
N LEU A 61 -6.64 13.17 3.87
CA LEU A 61 -7.90 13.80 3.45
C LEU A 61 -8.92 13.84 4.58
N SER A 62 -8.99 12.77 5.39
CA SER A 62 -9.98 12.75 6.43
C SER A 62 -9.72 13.76 7.52
N ALA A 63 -8.49 14.26 7.62
CA ALA A 63 -8.18 15.27 8.61
C ALA A 63 -8.72 16.62 8.19
N GLY A 64 -8.89 16.87 6.90
CA GLY A 64 -9.48 18.11 6.42
C GLY A 64 -8.70 19.34 6.80
N ASP A 65 -7.38 19.23 6.95
CA ASP A 65 -6.60 20.34 7.49
C ASP A 65 -5.55 20.85 6.50
N GLN A 66 -5.96 20.92 5.23
CA GLN A 66 -5.16 21.59 4.20
C GLN A 66 -4.80 23.01 4.65
N GLU A 67 -3.66 23.49 4.17
CA GLU A 67 -3.23 24.84 4.54
C GLU A 67 -4.03 25.93 3.86
N GLN A 68 -4.40 25.71 2.58
CA GLN A 68 -5.10 26.71 1.78
C GLN A 68 -6.02 25.98 0.84
N SER A 69 -6.98 26.70 0.28
CA SER A 69 -7.88 26.11 -0.70
C SER A 69 -8.44 27.20 -1.57
N SER A 70 -9.09 26.79 -2.68
CA SER A 70 -9.84 27.73 -3.51
C SER A 70 -10.87 27.00 -4.33
N LYS A 71 -12.03 27.63 -4.49
CA LYS A 71 -12.98 27.20 -5.51
C LYS A 71 -12.38 27.47 -6.88
N VAL A 72 -12.82 26.66 -7.83
CA VAL A 72 -12.39 26.84 -9.25
C VAL A 72 -13.47 27.64 -9.96
N VAL A 73 -13.06 28.69 -10.64
CA VAL A 73 -13.99 29.54 -11.41
C VAL A 73 -14.37 28.87 -12.72
N THR A 74 -13.36 28.57 -13.53
CA THR A 74 -13.55 27.91 -14.83
C THR A 74 -12.44 26.90 -15.11
N VAL A 75 -12.72 25.97 -16.00
CA VAL A 75 -11.72 25.04 -16.47
C VAL A 75 -11.68 25.15 -17.97
N THR A 76 -10.50 24.86 -18.56
CA THR A 76 -10.29 24.83 -19.99
C THR A 76 -9.61 23.52 -20.32
N GLU A 77 -10.25 22.69 -21.14
CA GLU A 77 -9.69 21.43 -21.60
C GLU A 77 -9.01 21.63 -22.95
N HIS A 78 -7.94 20.88 -23.18
CA HIS A 78 -7.27 20.93 -24.46
C HIS A 78 -8.30 20.70 -25.57
N PRO A 79 -8.32 21.53 -26.61
CA PRO A 79 -9.38 21.43 -27.62
C PRO A 79 -9.34 20.15 -28.40
N ASP A 80 -8.21 19.43 -28.40
CA ASP A 80 -8.13 18.18 -29.13
C ASP A 80 -8.15 16.97 -28.22
N PHE A 81 -8.52 17.14 -26.95
CA PHE A 81 -8.68 15.98 -26.07
C PHE A 81 -9.71 15.00 -26.62
N ASP A 82 -9.34 13.72 -26.68
CA ASP A 82 -10.21 12.68 -27.24
C ASP A 82 -10.17 11.47 -26.31
N ARG A 83 -11.21 11.33 -25.48
CA ARG A 83 -11.28 10.24 -24.53
C ARG A 83 -11.39 8.87 -25.18
N PHE A 84 -11.76 8.82 -26.46
CA PHE A 84 -11.98 7.53 -27.10
C PHE A 84 -10.84 7.05 -27.97
N ALA A 85 -9.98 7.95 -28.41
CA ALA A 85 -8.94 7.61 -29.35
C ALA A 85 -7.85 6.83 -28.62
N LEU A 86 -7.18 5.92 -29.35
CA LEU A 86 -6.11 5.15 -28.76
C LEU A 86 -5.09 6.11 -28.15
N GLY A 87 -4.69 5.86 -26.91
CA GLY A 87 -3.74 6.72 -26.26
C GLY A 87 -4.36 7.88 -25.52
N ILE A 88 -5.67 8.09 -25.65
CA ILE A 88 -6.36 9.18 -24.92
C ILE A 88 -5.58 10.50 -25.08
N PRO A 89 -5.39 10.96 -26.30
CA PRO A 89 -4.42 12.04 -26.55
C PRO A 89 -4.93 13.38 -26.00
N ASN A 90 -3.95 14.24 -25.64
CA ASN A 90 -4.19 15.64 -25.28
C ASN A 90 -4.97 15.75 -23.98
N ASP A 91 -4.57 14.94 -23.01
CA ASP A 91 -5.32 14.87 -21.75
C ASP A 91 -4.79 15.87 -20.72
N VAL A 92 -4.90 17.16 -21.06
CA VAL A 92 -4.48 18.25 -20.17
C VAL A 92 -5.57 19.31 -20.09
N ALA A 93 -5.63 19.99 -18.95
CA ALA A 93 -6.59 21.08 -18.71
C ALA A 93 -6.00 22.06 -17.73
N THR A 94 -6.40 23.34 -17.85
CA THR A 94 -6.06 24.32 -16.86
C THR A 94 -7.30 24.73 -16.07
N MET A 95 -7.07 25.36 -14.93
CA MET A 95 -8.15 25.77 -14.05
C MET A 95 -7.80 27.13 -13.46
N ALA A 96 -8.78 28.03 -13.44
CA ALA A 96 -8.63 29.32 -12.79
C ALA A 96 -9.20 29.25 -11.38
N LEU A 97 -8.52 29.88 -10.41
CA LEU A 97 -8.91 29.78 -9.01
C LEU A 97 -9.53 31.10 -8.53
N GLU A 98 -10.65 31.00 -7.79
CA GLU A 98 -11.31 32.20 -7.24
C GLU A 98 -10.43 32.94 -6.21
N THR A 99 -9.71 32.20 -5.39
CA THR A 99 -8.96 32.72 -4.25
C THR A 99 -7.49 32.45 -4.48
N ALA A 100 -6.65 33.48 -4.29
CA ALA A 100 -5.23 33.32 -4.51
C ALA A 100 -4.64 32.32 -3.53
N ILE A 101 -3.83 31.39 -4.02
CA ILE A 101 -3.11 30.44 -3.20
C ILE A 101 -1.65 30.87 -3.17
N ASN A 102 -1.13 31.15 -1.99
CA ASN A 102 0.21 31.67 -1.83
C ASN A 102 1.25 30.56 -1.80
N ALA A 103 2.44 30.88 -2.29
CA ALA A 103 3.62 30.04 -2.11
C ALA A 103 4.18 30.36 -0.73
N ALA A 104 3.87 29.50 0.23
CA ALA A 104 4.20 29.71 1.64
C ALA A 104 3.99 28.39 2.36
N GLY A 105 4.76 28.17 3.43
CA GLY A 105 4.56 26.94 4.16
C GLY A 105 4.82 25.73 3.29
N ASN A 106 3.87 24.79 3.32
CA ASN A 106 4.01 23.54 2.58
C ASN A 106 3.38 23.62 1.20
N VAL A 107 3.09 24.84 0.71
CA VAL A 107 2.47 25.05 -0.59
C VAL A 107 3.46 25.84 -1.45
N GLY A 108 3.62 25.43 -2.71
CA GLY A 108 4.46 26.16 -3.64
C GLY A 108 4.03 25.86 -5.06
N TYR A 109 4.57 26.62 -5.99
CA TYR A 109 4.18 26.49 -7.39
C TYR A 109 5.12 25.54 -8.09
N ALA A 110 4.57 24.75 -9.03
CA ALA A 110 5.42 23.86 -9.79
C ALA A 110 6.39 24.61 -10.70
N THR A 111 7.56 24.02 -10.88
CA THR A 111 8.41 24.37 -12.02
C THR A 111 8.10 23.37 -13.13
N LEU A 112 7.42 23.83 -14.17
CA LEU A 112 7.07 22.93 -15.25
C LEU A 112 8.29 22.67 -16.12
N ALA A 113 8.32 21.48 -16.75
CA ALA A 113 9.26 21.24 -17.83
C ALA A 113 9.08 22.28 -18.94
N VAL A 114 10.20 22.83 -19.41
CA VAL A 114 10.20 23.67 -20.61
C VAL A 114 9.91 22.84 -21.84
N ALA A 115 9.42 23.53 -22.88
CA ALA A 115 9.22 22.86 -24.16
C ALA A 115 10.51 22.31 -24.78
N ASN A 116 11.71 22.79 -24.40
CA ASN A 116 12.91 22.18 -24.97
C ASN A 116 13.40 20.97 -24.20
N ALA A 117 12.64 20.48 -23.23
CA ALA A 117 13.13 19.38 -22.41
C ALA A 117 13.26 18.09 -23.22
N PRO A 118 14.25 17.26 -22.89
CA PRO A 118 14.40 15.96 -23.57
C PRO A 118 13.43 14.93 -23.02
N ASP A 119 13.55 13.68 -23.48
CA ASP A 119 12.61 12.58 -23.13
C ASP A 119 12.78 12.01 -21.71
N PHE A 120 13.90 12.31 -21.05
CA PHE A 120 14.23 11.84 -19.69
C PHE A 120 14.22 10.32 -19.57
N ALA A 121 14.31 9.60 -20.69
CA ALA A 121 14.32 8.14 -20.65
C ALA A 121 15.42 7.60 -19.74
N GLY A 122 15.05 6.65 -18.88
CA GLY A 122 15.99 6.05 -17.93
C GLY A 122 16.10 6.75 -16.60
N ASP A 123 15.62 7.98 -16.48
CA ASP A 123 15.73 8.72 -15.25
C ASP A 123 14.70 8.25 -14.25
N GLN A 124 15.02 8.46 -12.98
CA GLN A 124 14.01 8.21 -11.98
C GLN A 124 13.04 9.37 -11.93
N ALA A 125 11.85 9.10 -11.39
CA ALA A 125 10.85 10.13 -11.18
C ALA A 125 9.97 9.69 -10.02
N ARG A 126 9.21 10.63 -9.48
CA ARG A 126 8.26 10.36 -8.42
C ARG A 126 6.84 10.59 -8.92
N LEU A 127 5.93 9.71 -8.53
CA LEU A 127 4.49 9.87 -8.71
C LEU A 127 3.87 10.13 -7.35
N SER A 128 2.90 11.03 -7.27
CA SER A 128 2.25 11.31 -6.00
C SER A 128 0.75 11.48 -6.19
N GLY A 129 0.00 11.15 -5.14
CA GLY A 129 -1.44 11.37 -5.20
C GLY A 129 -2.17 10.58 -4.13
N TRP A 130 -3.50 10.76 -4.14
CA TRP A 130 -4.41 10.06 -3.24
C TRP A 130 -5.18 8.94 -3.94
N GLY A 131 -4.69 8.45 -5.07
CA GLY A 131 -5.33 7.33 -5.76
C GLY A 131 -5.33 6.07 -4.92
N LYS A 132 -6.09 5.09 -5.40
CA LYS A 132 -6.14 3.83 -4.67
C LYS A 132 -4.75 3.24 -4.49
N LEU A 133 -4.59 2.48 -3.40
CA LEU A 133 -3.33 1.82 -3.04
C LEU A 133 -3.16 0.49 -3.75
N LEU A 134 -4.26 -0.01 -4.28
CA LEU A 134 -4.27 -1.26 -5.05
C LEU A 134 -5.46 -1.22 -5.99
N GLY A 135 -5.27 -1.71 -7.21
CA GLY A 135 -6.36 -1.69 -8.15
C GLY A 135 -7.61 -2.45 -7.73
N ALA A 136 -7.49 -3.43 -6.81
CA ALA A 136 -8.62 -4.21 -6.34
C ALA A 136 -9.34 -3.55 -5.18
N ASP A 137 -8.79 -2.48 -4.61
CA ASP A 137 -9.46 -1.79 -3.51
C ASP A 137 -10.63 -0.97 -4.03
N ASP A 138 -11.60 -0.72 -3.14
CA ASP A 138 -12.79 0.03 -3.48
C ASP A 138 -12.58 1.52 -3.33
N LEU A 139 -11.68 1.92 -2.42
CA LEU A 139 -11.56 3.30 -1.98
C LEU A 139 -10.19 3.89 -2.34
N ILE A 140 -10.17 5.21 -2.45
CA ILE A 140 -8.92 5.96 -2.60
C ILE A 140 -8.11 5.98 -1.31
N ALA A 141 -6.88 6.52 -1.38
CA ALA A 141 -6.01 6.59 -0.21
C ALA A 141 -6.43 7.77 0.67
N ASP A 142 -6.28 7.60 1.99
CA ASP A 142 -6.53 8.73 2.88
C ASP A 142 -5.28 9.62 3.02
N THR A 143 -4.13 9.02 3.19
CA THR A 143 -2.87 9.75 3.29
C THR A 143 -2.22 9.83 1.92
N LEU A 144 -1.77 11.04 1.55
CA LEU A 144 -1.04 11.26 0.31
C LEU A 144 0.11 10.26 0.16
N GLN A 145 0.20 9.63 -1.01
CA GLN A 145 1.26 8.67 -1.29
C GLN A 145 2.27 9.21 -2.28
N TYR A 146 3.45 8.58 -2.31
CA TYR A 146 4.37 8.75 -3.44
C TYR A 146 5.11 7.45 -3.68
N VAL A 147 5.63 7.33 -4.90
CA VAL A 147 6.50 6.22 -5.25
C VAL A 147 7.57 6.69 -6.23
N VAL A 148 8.75 6.09 -6.16
CA VAL A 148 9.82 6.29 -7.12
C VAL A 148 9.74 5.23 -8.21
N THR A 149 9.90 5.65 -9.47
CA THR A 149 9.81 4.76 -10.60
C THR A 149 10.77 5.24 -11.66
N THR A 150 10.76 4.60 -12.84
CA THR A 150 11.74 4.86 -13.90
C THR A 150 11.03 5.26 -15.19
N ILE A 151 11.40 6.43 -15.72
CA ILE A 151 10.85 6.92 -16.99
C ILE A 151 11.38 6.06 -18.12
N ARG A 152 10.51 5.72 -19.09
CA ARG A 152 10.92 4.89 -20.23
C ARG A 152 10.71 5.70 -21.50
N SER A 153 11.49 5.41 -22.54
CA SER A 153 11.28 6.01 -23.87
C SER A 153 9.94 5.57 -24.47
N THR A 154 9.49 6.29 -25.51
CA THR A 154 8.25 5.89 -26.20
C THR A 154 8.29 4.43 -26.64
N ALA A 155 9.36 4.03 -27.33
CA ALA A 155 9.42 2.67 -27.84
C ALA A 155 9.49 1.66 -26.70
N ASP A 156 10.24 1.97 -25.64
CA ASP A 156 10.39 1.05 -24.50
C ASP A 156 9.05 0.91 -23.77
N CYS A 157 8.37 2.03 -23.57
N CYS A 157 8.33 2.01 -23.62
CA CYS A 157 7.00 2.05 -23.05
CA CYS A 157 7.03 1.92 -22.98
C CYS A 157 6.13 1.06 -23.79
C CYS A 157 6.07 1.05 -23.78
N ASN A 158 6.03 1.22 -25.11
CA ASN A 158 5.19 0.34 -25.90
C ASN A 158 5.66 -1.10 -25.82
N SER A 159 6.96 -1.34 -25.71
CA SER A 159 7.44 -2.72 -25.58
C SER A 159 6.98 -3.38 -24.29
N ARG A 160 6.66 -2.59 -23.28
CA ARG A 160 6.22 -3.08 -21.98
C ARG A 160 4.70 -3.11 -21.87
N MET A 161 3.97 -2.61 -22.92
CA MET A 161 2.53 -2.73 -22.96
C MET A 161 2.11 -4.08 -23.54
N PRO A 162 0.86 -4.51 -23.32
CA PRO A 162 0.32 -5.61 -24.13
C PRO A 162 0.38 -5.23 -25.60
N GLU A 163 0.55 -6.24 -26.46
CA GLU A 163 0.72 -6.00 -27.89
C GLU A 163 -0.50 -5.32 -28.53
N HIS A 164 -1.70 -5.51 -28.00
CA HIS A 164 -2.86 -4.79 -28.52
C HIS A 164 -3.06 -3.44 -27.87
N ILE A 165 -2.12 -2.99 -27.02
CA ILE A 165 -2.22 -1.65 -26.41
C ILE A 165 -0.92 -0.86 -26.62
N GLN A 166 -0.47 -0.78 -27.87
CA GLN A 166 0.74 -0.03 -28.23
C GLN A 166 0.39 1.43 -28.50
N PHE A 167 -0.16 2.09 -27.48
CA PHE A 167 -0.83 3.38 -27.62
C PHE A 167 0.00 4.52 -27.09
N VAL A 168 1.21 4.27 -26.63
CA VAL A 168 2.01 5.35 -26.05
C VAL A 168 2.61 6.19 -27.17
N MET A 169 2.55 7.52 -27.02
CA MET A 169 2.97 8.47 -28.05
C MET A 169 4.05 9.37 -27.47
N ASP A 170 4.68 10.16 -28.33
CA ASP A 170 5.73 11.10 -27.85
C ASP A 170 5.13 12.20 -26.98
N GLN A 171 3.84 12.48 -27.12
CA GLN A 171 3.17 13.45 -26.26
C GLN A 171 2.91 12.90 -24.85
N HIS A 172 3.17 11.60 -24.63
CA HIS A 172 3.11 10.98 -23.31
C HIS A 172 4.51 10.87 -22.72
N ILE A 173 4.56 10.75 -21.41
CA ILE A 173 5.77 10.30 -20.71
C ILE A 173 5.34 9.17 -19.79
N CYS A 174 5.98 8.02 -19.91
CA CYS A 174 5.56 6.84 -19.17
CA CYS A 174 5.55 6.91 -19.11
C CYS A 174 6.64 6.41 -18.19
N VAL A 175 6.19 5.70 -17.15
CA VAL A 175 7.06 5.15 -16.11
C VAL A 175 6.69 3.69 -15.89
N HIS A 176 7.70 2.91 -15.56
CA HIS A 176 7.44 1.50 -15.28
C HIS A 176 8.63 0.96 -14.50
N SER A 177 8.36 0.09 -13.52
CA SER A 177 9.42 -0.60 -12.78
C SER A 177 9.59 -2.01 -13.34
N ASP A 178 10.85 -2.47 -13.39
CA ASP A 178 11.08 -3.84 -13.88
C ASP A 178 10.42 -4.86 -12.96
N ALA A 179 10.35 -4.55 -11.66
CA ALA A 179 9.69 -5.45 -10.72
C ALA A 179 8.19 -5.44 -10.87
N GLY A 180 7.61 -4.48 -11.60
CA GLY A 180 6.19 -4.53 -11.89
C GLY A 180 5.29 -4.18 -10.72
N ASP A 181 5.78 -3.41 -9.75
CA ASP A 181 5.03 -3.18 -8.52
C ASP A 181 4.64 -1.73 -8.26
N THR A 182 5.00 -0.79 -9.13
CA THR A 182 4.73 0.63 -8.88
C THR A 182 3.80 1.17 -9.96
N GLY A 183 2.96 2.13 -9.58
CA GLY A 183 2.20 2.80 -10.62
C GLY A 183 1.20 3.76 -10.04
N SER A 184 0.56 4.50 -10.94
CA SER A 184 -0.55 5.36 -10.53
C SER A 184 -1.81 4.50 -10.49
N CYS A 185 -2.88 5.06 -9.93
CA CYS A 185 -4.16 4.35 -9.85
C CYS A 185 -5.29 5.38 -9.84
N GLN A 186 -6.53 4.90 -10.00
CA GLN A 186 -7.68 5.81 -10.02
C GLN A 186 -7.65 6.73 -8.79
N GLY A 187 -7.93 8.02 -9.02
CA GLY A 187 -7.71 9.04 -8.00
C GLY A 187 -6.41 9.83 -8.15
N ASP A 188 -5.42 9.25 -8.81
CA ASP A 188 -4.15 9.93 -9.07
C ASP A 188 -4.19 10.79 -10.33
N SER A 189 -5.09 10.54 -11.27
CA SER A 189 -5.20 11.31 -12.51
C SER A 189 -5.16 12.80 -12.27
N GLY A 190 -4.47 13.51 -13.17
CA GLY A 190 -4.36 14.94 -13.02
C GLY A 190 -3.20 15.44 -12.18
N GLY A 191 -2.55 14.57 -11.42
CA GLY A 191 -1.47 14.97 -10.54
C GLY A 191 -0.12 14.96 -11.23
N PRO A 192 0.92 15.24 -10.46
CA PRO A 192 2.24 15.47 -11.05
C PRO A 192 3.11 14.23 -11.11
N MET A 193 3.90 14.15 -12.19
CA MET A 193 5.15 13.37 -12.20
C MET A 193 6.29 14.35 -11.94
N THR A 194 7.10 14.07 -10.91
CA THR A 194 8.21 14.95 -10.48
C THR A 194 9.51 14.30 -10.90
N HIS A 195 10.35 15.03 -11.62
CA HIS A 195 11.63 14.47 -12.06
C HIS A 195 12.53 14.12 -10.87
N GLY A 196 13.25 13.00 -11.01
CA GLY A 196 14.25 12.59 -10.05
C GLY A 196 13.67 11.72 -8.95
N ALA A 197 14.57 11.01 -8.24
CA ALA A 197 14.19 10.18 -7.10
C ALA A 197 14.08 10.96 -5.80
N SER A 198 14.74 12.11 -5.69
CA SER A 198 14.68 12.95 -4.51
C SER A 198 15.03 14.37 -4.89
N GLY A 199 14.78 15.26 -3.96
CA GLY A 199 15.08 16.67 -4.14
C GLY A 199 13.98 17.41 -4.89
N SER A 200 14.18 18.70 -5.07
CA SER A 200 13.24 19.48 -5.86
C SER A 200 13.36 19.04 -7.31
N GLY A 201 12.25 18.71 -7.90
CA GLY A 201 12.25 18.28 -9.29
C GLY A 201 11.16 18.98 -10.08
N ASN A 202 11.44 19.18 -11.36
CA ASN A 202 10.43 19.83 -12.19
C ASN A 202 9.26 18.86 -12.39
N VAL A 203 8.09 19.42 -12.65
CA VAL A 203 6.91 18.62 -12.96
C VAL A 203 6.93 18.37 -14.46
N ILE A 204 7.08 17.10 -14.81
CA ILE A 204 7.35 16.67 -16.18
C ILE A 204 6.19 15.90 -16.79
N GLY A 205 5.19 15.52 -15.99
CA GLY A 205 4.03 14.81 -16.51
C GLY A 205 2.81 15.09 -15.66
N VAL A 206 1.65 14.85 -16.29
CA VAL A 206 0.31 14.93 -15.65
C VAL A 206 -0.31 13.53 -15.75
N THR A 207 -0.74 12.95 -14.60
CA THR A 207 -1.27 11.58 -14.60
C THR A 207 -2.46 11.41 -15.54
N SER A 208 -2.41 10.39 -16.44
CA SER A 208 -3.46 10.26 -17.47
C SER A 208 -4.12 8.88 -17.50
N TRP A 209 -3.37 7.79 -17.73
CA TRP A 209 -4.04 6.50 -17.82
C TRP A 209 -3.06 5.35 -17.53
N GLY A 210 -3.62 4.15 -17.42
CA GLY A 210 -2.81 2.95 -17.27
C GLY A 210 -3.64 1.79 -17.72
N ILE A 211 -3.14 0.56 -17.46
CA ILE A 211 -3.81 -0.67 -17.87
C ILE A 211 -4.57 -1.23 -16.69
N GLY A 212 -5.78 -1.73 -16.92
CA GLY A 212 -6.51 -2.40 -15.85
C GLY A 212 -7.31 -3.57 -16.39
N ASN A 213 -7.94 -4.29 -15.47
CA ASN A 213 -8.95 -5.28 -15.85
C ASN A 213 -10.16 -5.09 -14.94
N ALA A 214 -11.20 -5.93 -15.13
CA ALA A 214 -12.45 -5.69 -14.43
C ALA A 214 -12.34 -5.86 -12.91
N PHE A 215 -11.32 -6.59 -12.43
CA PHE A 215 -11.18 -6.82 -10.99
C PHE A 215 -10.06 -6.04 -10.34
N GLU A 216 -9.15 -5.49 -11.15
CA GLU A 216 -8.01 -4.74 -10.64
C GLU A 216 -7.84 -3.58 -11.61
N SER A 217 -8.25 -2.37 -11.20
CA SER A 217 -8.44 -1.28 -12.14
C SER A 217 -7.15 -0.60 -12.58
N CYS A 218 -6.01 -0.92 -11.95
CA CYS A 218 -4.70 -0.36 -12.31
C CYS A 218 -3.69 -1.48 -12.09
N LEU A 219 -2.89 -1.79 -13.10
CA LEU A 219 -1.98 -2.94 -13.04
C LEU A 219 -0.55 -2.46 -13.18
N PRO A 220 0.24 -2.49 -12.10
CA PRO A 220 1.63 -2.01 -12.18
C PRO A 220 2.51 -2.95 -12.95
N ASP A 221 1.98 -4.12 -13.35
CA ASP A 221 2.76 -4.94 -14.26
C ASP A 221 2.97 -4.23 -15.60
N TYR A 222 2.22 -3.16 -15.90
CA TYR A 222 2.37 -2.41 -17.14
C TYR A 222 2.65 -0.96 -16.79
N PRO A 223 3.18 -0.17 -17.73
CA PRO A 223 3.52 1.22 -17.40
C PRO A 223 2.30 2.04 -17.03
N SER A 224 2.56 3.14 -16.34
CA SER A 224 1.62 4.22 -16.08
C SER A 224 1.93 5.39 -17.03
N VAL A 225 0.89 5.96 -17.65
CA VAL A 225 1.06 6.91 -18.76
C VAL A 225 0.62 8.31 -18.32
N TYR A 226 1.50 9.30 -18.53
CA TYR A 226 1.25 10.68 -18.17
C TYR A 226 1.26 11.52 -19.44
N ALA A 227 0.55 12.65 -19.41
CA ALA A 227 0.73 13.65 -20.46
C ALA A 227 2.07 14.34 -20.27
N ARG A 228 2.87 14.45 -21.32
CA ARG A 228 4.22 15.00 -21.21
C ARG A 228 4.17 16.53 -21.14
N VAL A 229 4.63 17.11 -20.02
CA VAL A 229 4.50 18.55 -19.83
C VAL A 229 5.28 19.33 -20.89
N SER A 230 6.49 18.89 -21.27
CA SER A 230 7.25 19.63 -22.27
C SER A 230 6.47 19.77 -23.57
N TYR A 231 5.77 18.71 -23.94
CA TYR A 231 4.99 18.74 -25.20
C TYR A 231 3.87 19.76 -25.12
N PHE A 232 3.23 19.85 -23.95
CA PHE A 232 2.05 20.70 -23.77
C PHE A 232 2.36 22.05 -23.17
N ARG A 233 3.64 22.34 -22.91
CA ARG A 233 3.98 23.54 -22.13
C ARG A 233 3.43 24.83 -22.75
N ALA A 234 3.53 24.98 -24.07
CA ALA A 234 3.08 26.22 -24.70
C ALA A 234 1.56 26.39 -24.58
N TRP A 235 0.82 25.29 -24.67
CA TRP A 235 -0.63 25.34 -24.51
C TRP A 235 -0.98 25.68 -23.07
N ILE A 236 -0.28 25.04 -22.11
CA ILE A 236 -0.59 25.28 -20.71
C ILE A 236 -0.34 26.74 -20.37
N ASP A 237 0.78 27.28 -20.81
CA ASP A 237 1.10 28.68 -20.49
C ASP A 237 0.10 29.66 -21.09
N ALA A 238 -0.35 29.36 -22.30
CA ALA A 238 -1.28 30.28 -23.02
C ALA A 238 -2.71 30.15 -22.51
N ASN A 239 -3.05 29.06 -21.82
CA ASN A 239 -4.43 28.80 -21.35
C ASN A 239 -4.56 28.92 -19.82
N ILE B 1 0.99 -5.16 6.20
CA ILE B 1 1.15 -5.92 4.95
C ILE B 1 1.57 -5.00 3.83
N VAL B 2 2.72 -5.28 3.19
CA VAL B 2 3.28 -4.47 2.13
C VAL B 2 2.95 -5.10 0.78
N GLY B 3 2.46 -4.30 -0.17
CA GLY B 3 2.24 -4.83 -1.50
C GLY B 3 0.95 -5.59 -1.66
N GLY B 4 0.04 -5.49 -0.69
CA GLY B 4 -1.20 -6.22 -0.70
C GLY B 4 -2.40 -5.33 -1.00
N GLN B 5 -3.53 -5.74 -0.47
CA GLN B 5 -4.82 -5.12 -0.82
C GLN B 5 -5.79 -5.35 0.34
N ASP B 6 -6.86 -4.56 0.36
CA ASP B 6 -7.89 -4.78 1.36
C ASP B 6 -8.44 -6.21 1.29
N ALA B 7 -8.51 -6.86 2.44
CA ALA B 7 -9.30 -8.08 2.58
C ALA B 7 -10.79 -7.74 2.49
N THR B 8 -11.62 -8.78 2.42
CA THR B 8 -13.06 -8.63 2.67
C THR B 8 -13.38 -9.17 4.07
N ARG B 9 -14.43 -8.64 4.68
CA ARG B 9 -14.76 -9.09 6.03
C ARG B 9 -15.14 -10.57 6.00
N GLY B 10 -14.56 -11.34 6.91
CA GLY B 10 -14.79 -12.76 6.93
C GLY B 10 -13.86 -13.57 6.08
N MET B 11 -12.96 -12.94 5.31
CA MET B 11 -12.04 -13.72 4.49
C MET B 11 -11.09 -14.53 5.35
N PHE B 12 -10.70 -14.01 6.53
CA PHE B 12 -9.82 -14.74 7.44
C PHE B 12 -10.56 -14.82 8.77
N PRO B 13 -11.43 -15.82 8.94
CA PRO B 13 -12.36 -15.81 10.10
C PRO B 13 -11.66 -15.89 11.44
N TYR B 14 -10.44 -16.42 11.45
CA TYR B 14 -9.64 -16.60 12.66
C TYR B 14 -8.66 -15.45 12.91
N GLN B 15 -8.64 -14.43 12.04
CA GLN B 15 -7.74 -13.29 12.24
C GLN B 15 -8.24 -12.47 13.41
N LEU B 16 -7.40 -12.31 14.43
CA LEU B 16 -7.65 -11.46 15.60
C LEU B 16 -6.77 -10.21 15.57
N SER B 17 -7.26 -9.14 16.20
CA SER B 17 -6.43 -8.02 16.62
C SER B 17 -6.07 -8.23 18.08
N LEU B 18 -4.76 -8.32 18.37
CA LEU B 18 -4.30 -8.38 19.75
C LEU B 18 -4.03 -6.97 20.24
N GLN B 19 -4.74 -6.58 21.29
CA GLN B 19 -4.75 -5.21 21.78
C GLN B 19 -4.03 -5.17 23.13
N HIS B 20 -3.25 -4.13 23.34
CA HIS B 20 -2.54 -3.94 24.60
C HIS B 20 -3.11 -2.70 25.28
N MET B 21 -3.20 -2.73 26.61
CA MET B 21 -3.69 -1.57 27.36
C MET B 21 -2.51 -0.64 27.59
N GLY B 22 -2.51 0.50 26.91
CA GLY B 22 -1.61 1.59 27.21
C GLY B 22 -2.40 2.70 27.89
N ALA B 23 -2.42 3.89 27.28
CA ALA B 23 -3.37 4.90 27.72
C ALA B 23 -4.80 4.41 27.56
N GLY B 24 -5.11 3.85 26.39
CA GLY B 24 -6.27 3.01 26.19
C GLY B 24 -5.86 1.77 25.41
N TRP B 25 -6.82 1.03 24.88
CA TRP B 25 -6.49 -0.12 24.05
C TRP B 25 -5.86 0.34 22.73
N TYR B 26 -4.86 -0.40 22.25
CA TYR B 26 -4.32 -0.15 20.91
C TYR B 26 -3.89 -1.48 20.28
N HIS B 27 -4.00 -1.56 18.96
CA HIS B 27 -3.52 -2.75 18.26
C HIS B 27 -2.01 -2.84 18.35
N THR B 28 -1.50 -3.97 18.88
CA THR B 28 -0.07 -4.19 18.95
C THR B 28 0.42 -5.33 18.04
N CYS B 29 -0.44 -6.30 17.72
CA CYS B 29 -0.05 -7.51 17.01
C CYS B 29 -1.30 -8.14 16.44
N GLY B 30 -1.12 -9.06 15.50
CA GLY B 30 -2.18 -9.98 15.16
C GLY B 30 -2.19 -11.17 16.12
N ALA B 31 -3.27 -11.95 16.03
CA ALA B 31 -3.36 -13.24 16.71
C ALA B 31 -4.30 -14.14 15.91
N ILE B 32 -4.37 -15.39 16.33
CA ILE B 32 -5.03 -16.44 15.56
C ILE B 32 -5.97 -17.17 16.50
N LEU B 33 -7.25 -17.19 16.18
CA LEU B 33 -8.23 -17.86 17.03
C LEU B 33 -8.20 -19.37 16.80
N LEU B 34 -7.98 -20.15 17.87
CA LEU B 34 -7.89 -21.60 17.76
C LEU B 34 -9.15 -22.29 18.23
N ALA B 35 -9.81 -21.71 19.24
CA ALA B 35 -10.96 -22.36 19.85
C ALA B 35 -11.70 -21.30 20.66
N ALA B 36 -12.83 -21.69 21.26
CA ALA B 36 -13.67 -20.70 21.91
C ALA B 36 -12.94 -19.91 22.99
N ASN B 37 -11.96 -20.53 23.67
CA ASN B 37 -11.21 -19.81 24.70
C ASN B 37 -9.71 -19.90 24.50
N LYS B 38 -9.24 -20.04 23.24
CA LYS B 38 -7.82 -20.21 23.02
C LYS B 38 -7.38 -19.49 21.74
N ALA B 39 -6.25 -18.82 21.84
CA ALA B 39 -5.71 -18.09 20.69
C ALA B 39 -4.19 -18.26 20.67
N LEU B 40 -3.60 -17.92 19.52
CA LEU B 40 -2.19 -18.15 19.24
C LEU B 40 -1.59 -16.85 18.71
N THR B 41 -0.36 -16.53 19.13
CA THR B 41 0.30 -15.31 18.66
C THR B 41 1.81 -15.55 18.75
N ALA B 42 2.58 -14.50 18.43
CA ALA B 42 4.03 -14.56 18.61
C ALA B 42 4.39 -14.30 20.07
N ALA B 43 5.35 -15.08 20.58
CA ALA B 43 5.82 -14.80 21.95
C ALA B 43 6.28 -13.35 22.12
N HIS B 44 6.95 -12.78 21.13
CA HIS B 44 7.47 -11.43 21.36
C HIS B 44 6.35 -10.40 21.51
N CYS B 45 5.12 -10.74 21.12
CA CYS B 45 4.00 -9.81 21.24
C CYS B 45 3.51 -9.70 22.69
N THR B 46 3.74 -10.72 23.50
CA THR B 46 3.24 -10.71 24.88
C THR B 46 4.35 -10.73 25.93
N GLU B 47 5.52 -11.28 25.62
CA GLU B 47 6.55 -11.44 26.63
C GLU B 47 6.94 -10.11 27.25
N GLY B 48 7.06 -10.11 28.58
CA GLY B 48 7.44 -8.91 29.30
C GLY B 48 6.34 -7.89 29.46
N ARG B 49 5.12 -8.18 28.99
CA ARG B 49 4.01 -7.24 29.07
C ARG B 49 2.79 -7.95 29.65
N GLU B 50 1.79 -7.16 30.00
CA GLU B 50 0.56 -7.69 30.54
C GLU B 50 -0.56 -6.75 30.15
N GLY B 51 -1.80 -7.23 30.23
CA GLY B 51 -2.96 -6.42 29.89
C GLY B 51 -3.35 -6.46 28.42
N PHE B 52 -4.01 -7.55 28.00
CA PHE B 52 -4.31 -7.81 26.59
C PHE B 52 -5.77 -8.16 26.40
N ARG B 53 -6.26 -7.86 25.19
CA ARG B 53 -7.59 -8.21 24.72
C ARG B 53 -7.46 -8.61 23.26
N VAL B 54 -8.33 -9.52 22.78
CA VAL B 54 -8.44 -9.83 21.36
C VAL B 54 -9.78 -9.39 20.81
N LEU B 55 -9.75 -8.84 19.59
CA LEU B 55 -10.95 -8.51 18.84
C LEU B 55 -11.11 -9.52 17.71
N ALA B 56 -12.33 -10.05 17.55
CA ALA B 56 -12.67 -11.08 16.58
C ALA B 56 -13.70 -10.53 15.60
N GLY B 57 -13.58 -10.94 14.34
CA GLY B 57 -14.47 -10.43 13.29
C GLY B 57 -14.31 -8.96 12.94
N ALA B 58 -13.19 -8.33 13.29
CA ALA B 58 -12.96 -6.94 12.97
C ALA B 58 -12.51 -6.79 11.52
N HIS B 59 -12.63 -5.57 11.01
CA HIS B 59 -12.23 -5.32 9.64
C HIS B 59 -11.53 -3.97 9.52
N VAL B 60 -12.21 -2.90 9.94
CA VAL B 60 -11.66 -1.55 9.95
C VAL B 60 -11.46 -1.18 11.41
N LEU B 61 -10.20 -1.25 11.88
CA LEU B 61 -9.93 -1.02 13.30
C LEU B 61 -10.49 0.29 13.83
N PRO B 62 -10.31 1.45 13.17
CA PRO B 62 -10.85 2.71 13.73
C PRO B 62 -12.38 2.78 13.73
N ALA B 63 -13.06 1.84 13.09
CA ALA B 63 -14.52 1.79 13.14
C ALA B 63 -15.03 1.06 14.38
N ASN B 64 -14.14 0.44 15.15
CA ASN B 64 -14.55 -0.41 16.28
C ASN B 64 -15.63 -1.39 15.85
N ASP B 65 -15.38 -2.11 14.76
CA ASP B 65 -16.40 -2.91 14.10
C ASP B 65 -16.28 -4.39 14.43
N GLN B 66 -15.53 -4.75 15.46
CA GLN B 66 -15.40 -6.16 15.83
C GLN B 66 -16.76 -6.78 16.13
N GLU B 67 -16.86 -8.10 15.92
CA GLU B 67 -18.08 -8.83 16.20
C GLU B 67 -18.10 -9.43 17.59
N GLN B 68 -16.95 -9.88 18.10
CA GLN B 68 -16.81 -10.38 19.45
C GLN B 68 -15.44 -9.94 19.98
N GLU B 69 -15.27 -10.03 21.30
CA GLU B 69 -14.00 -9.66 21.91
C GLU B 69 -13.88 -10.41 23.22
N SER B 70 -12.65 -10.62 23.66
CA SER B 70 -12.45 -11.19 24.99
C SER B 70 -11.13 -10.69 25.57
N ASP B 71 -11.11 -10.53 26.90
CA ASP B 71 -9.86 -10.30 27.58
C ASP B 71 -9.01 -11.55 27.53
N VAL B 72 -7.69 -11.36 27.50
CA VAL B 72 -6.75 -12.48 27.63
C VAL B 72 -6.53 -12.72 29.11
N ALA B 73 -6.86 -13.92 29.57
CA ALA B 73 -6.75 -14.30 30.98
C ALA B 73 -5.37 -14.78 31.39
N SER B 74 -4.63 -15.40 30.47
CA SER B 74 -3.32 -15.95 30.77
C SER B 74 -2.60 -16.14 29.45
N VAL B 75 -1.28 -16.12 29.52
CA VAL B 75 -0.40 -16.31 28.36
C VAL B 75 0.66 -17.35 28.72
N THR B 76 0.94 -18.24 27.78
CA THR B 76 2.07 -19.17 27.90
C THR B 76 3.00 -18.92 26.72
N GLU B 77 4.15 -18.31 26.98
CA GLU B 77 5.16 -18.19 25.94
C GLU B 77 6.01 -19.45 25.89
N HIS B 78 6.53 -19.77 24.72
CA HIS B 78 7.38 -20.94 24.60
C HIS B 78 8.56 -20.81 25.56
N PRO B 79 8.88 -21.86 26.31
CA PRO B 79 9.91 -21.70 27.36
C PRO B 79 11.29 -21.46 26.81
N GLU B 80 11.54 -21.69 25.51
CA GLU B 80 12.84 -21.40 24.92
C GLU B 80 12.79 -20.21 23.98
N PHE B 81 11.75 -19.38 24.11
CA PHE B 81 11.72 -18.10 23.39
C PHE B 81 12.93 -17.25 23.78
N ASP B 82 13.58 -16.65 22.80
CA ASP B 82 14.67 -15.72 23.11
C ASP B 82 14.54 -14.51 22.20
N ARG B 83 14.08 -13.39 22.77
CA ARG B 83 13.90 -12.16 22.00
C ARG B 83 15.18 -11.70 21.29
N PHE B 84 16.34 -12.06 21.84
CA PHE B 84 17.62 -11.56 21.36
C PHE B 84 18.50 -12.64 20.79
N GLY B 85 17.95 -13.82 20.53
CA GLY B 85 18.71 -14.91 19.98
C GLY B 85 18.69 -14.84 18.46
N PRO B 86 19.70 -15.39 17.81
CA PRO B 86 19.69 -15.40 16.33
C PRO B 86 18.44 -16.07 15.79
N GLY B 87 17.70 -15.34 14.95
CA GLY B 87 16.51 -15.88 14.36
C GLY B 87 15.28 -15.83 15.24
N ILE B 88 15.37 -15.18 16.39
CA ILE B 88 14.25 -15.05 17.32
C ILE B 88 13.63 -16.43 17.57
N PRO B 89 14.38 -17.34 18.18
CA PRO B 89 13.90 -18.72 18.27
C PRO B 89 12.63 -18.87 19.11
N ASN B 90 11.77 -19.78 18.66
CA ASN B 90 10.61 -20.22 19.42
C ASN B 90 9.66 -19.08 19.74
N ASP B 91 9.28 -18.35 18.68
CA ASP B 91 8.50 -17.11 18.83
C ASP B 91 7.01 -17.40 18.74
N VAL B 92 6.53 -18.22 19.67
CA VAL B 92 5.12 -18.61 19.73
C VAL B 92 4.60 -18.56 21.17
N ALA B 93 3.31 -18.25 21.30
CA ALA B 93 2.64 -18.19 22.59
C ALA B 93 1.17 -18.52 22.41
N THR B 94 0.61 -19.23 23.38
CA THR B 94 -0.83 -19.42 23.45
C THR B 94 -1.43 -18.48 24.49
N MET B 95 -2.72 -18.18 24.30
CA MET B 95 -3.42 -17.26 25.17
C MET B 95 -4.76 -17.90 25.54
N ALA B 96 -5.11 -17.85 26.83
CA ALA B 96 -6.43 -18.27 27.27
C ALA B 96 -7.34 -17.05 27.31
N LEU B 97 -8.56 -17.20 26.79
CA LEU B 97 -9.52 -16.11 26.69
C LEU B 97 -10.54 -16.19 27.82
N ALA B 98 -10.80 -15.04 28.47
CA ALA B 98 -11.73 -14.99 29.58
C ALA B 98 -13.15 -15.32 29.14
N THR B 99 -13.57 -14.78 28.00
CA THR B 99 -14.91 -14.92 27.45
C THR B 99 -14.84 -15.76 26.19
N ALA B 100 -15.82 -16.65 26.02
CA ALA B 100 -15.84 -17.52 24.85
C ALA B 100 -16.09 -16.70 23.59
N ILE B 101 -15.32 -16.99 22.54
CA ILE B 101 -15.55 -16.42 21.23
C ILE B 101 -16.10 -17.53 20.35
N ASN B 102 -17.32 -17.35 19.88
CA ASN B 102 -18.04 -18.37 19.14
C ASN B 102 -17.72 -18.33 17.65
N ALA B 103 -17.75 -19.51 17.05
CA ALA B 103 -17.70 -19.61 15.60
C ALA B 103 -19.08 -19.19 15.09
N ALA B 104 -19.19 -17.96 14.62
CA ALA B 104 -20.47 -17.42 14.21
C ALA B 104 -20.21 -16.13 13.45
N GLY B 105 -21.10 -15.81 12.50
CA GLY B 105 -20.90 -14.62 11.71
C GLY B 105 -19.61 -14.71 10.91
N ASN B 106 -18.77 -13.70 11.02
CA ASN B 106 -17.50 -13.67 10.31
C ASN B 106 -16.34 -14.21 11.16
N VAL B 107 -16.64 -14.91 12.24
CA VAL B 107 -15.63 -15.45 13.16
C VAL B 107 -15.64 -16.97 13.07
N GLY B 108 -14.46 -17.56 13.03
CA GLY B 108 -14.27 -19.00 12.98
C GLY B 108 -12.88 -19.37 13.47
N TYR B 109 -12.69 -20.66 13.67
CA TYR B 109 -11.47 -21.18 14.26
C TYR B 109 -10.53 -21.63 13.15
N ALA B 110 -9.23 -21.43 13.37
CA ALA B 110 -8.25 -21.86 12.39
C ALA B 110 -8.07 -23.38 12.43
N THR B 111 -7.75 -23.97 11.28
CA THR B 111 -7.24 -25.34 11.22
C THR B 111 -5.72 -25.26 11.12
N LEU B 112 -5.01 -25.77 12.12
CA LEU B 112 -3.56 -25.66 12.11
C LEU B 112 -2.95 -26.77 11.24
N ALA B 113 -1.82 -26.48 10.63
CA ALA B 113 -1.01 -27.52 10.01
C ALA B 113 -0.78 -28.65 10.98
N ALA B 114 -0.78 -29.88 10.47
CA ALA B 114 -0.39 -31.05 11.24
C ALA B 114 1.11 -31.04 11.54
N ALA B 115 1.47 -31.70 12.65
CA ALA B 115 2.89 -31.86 12.99
C ALA B 115 3.67 -32.54 11.87
N ASN B 116 3.05 -33.46 11.11
CA ASN B 116 3.76 -34.12 10.03
C ASN B 116 3.57 -33.46 8.68
N ALA B 117 3.18 -32.17 8.65
CA ALA B 117 2.94 -31.49 7.39
C ALA B 117 4.24 -31.39 6.58
N PRO B 118 4.14 -31.34 5.24
CA PRO B 118 5.33 -31.05 4.44
C PRO B 118 5.76 -29.60 4.65
N ASP B 119 6.90 -29.24 4.07
CA ASP B 119 7.40 -27.90 4.35
C ASP B 119 6.80 -26.83 3.44
N TYR B 120 6.08 -27.20 2.37
CA TYR B 120 5.32 -26.29 1.52
C TYR B 120 6.20 -25.40 0.67
N ALA B 121 7.50 -25.71 0.53
CA ALA B 121 8.36 -24.84 -0.25
C ALA B 121 7.87 -24.74 -1.69
N GLY B 122 7.73 -23.51 -2.18
CA GLY B 122 7.18 -23.22 -3.49
C GLY B 122 5.69 -22.99 -3.51
N ASP B 123 4.98 -23.26 -2.40
CA ASP B 123 3.51 -23.12 -2.41
C ASP B 123 3.10 -21.67 -2.27
N GLN B 124 1.96 -21.33 -2.87
CA GLN B 124 1.37 -20.03 -2.60
C GLN B 124 0.76 -20.03 -1.20
N ALA B 125 0.84 -18.86 -0.55
CA ALA B 125 0.22 -18.67 0.75
C ALA B 125 -0.18 -17.21 0.87
N ARG B 126 -1.03 -16.92 1.85
CA ARG B 126 -1.49 -15.56 2.10
C ARG B 126 -1.01 -15.08 3.47
N LEU B 127 -0.56 -13.83 3.52
CA LEU B 127 -0.30 -13.13 4.77
C LEU B 127 -1.43 -12.13 5.00
N SER B 128 -1.86 -11.94 6.25
CA SER B 128 -2.93 -11.01 6.53
C SER B 128 -2.67 -10.28 7.84
N GLY B 129 -3.21 -9.07 7.95
CA GLY B 129 -3.07 -8.31 9.18
C GLY B 129 -3.29 -6.83 8.96
N TRP B 130 -3.21 -6.10 10.07
CA TRP B 130 -3.34 -4.65 10.10
C TRP B 130 -1.99 -3.95 10.23
N GLY B 131 -0.89 -4.62 9.90
CA GLY B 131 0.42 -3.96 9.94
C GLY B 131 0.56 -2.81 8.95
N LYS B 132 1.69 -2.10 9.08
CA LYS B 132 1.94 -0.98 8.16
C LYS B 132 1.90 -1.43 6.69
N LEU B 133 1.40 -0.52 5.84
CA LEU B 133 1.34 -0.77 4.40
C LEU B 133 2.68 -0.56 3.74
N HIS B 134 3.60 0.13 4.40
CA HIS B 134 4.95 0.37 3.91
C HIS B 134 5.81 0.60 5.15
N GLY B 135 7.04 0.09 5.10
CA GLY B 135 7.89 0.21 6.27
C GLY B 135 8.25 1.62 6.70
N ALA B 136 8.10 2.60 5.82
CA ALA B 136 8.39 3.97 6.19
C ALA B 136 7.21 4.66 6.84
N ASP B 137 6.00 4.11 6.74
CA ASP B 137 4.82 4.79 7.23
C ASP B 137 4.84 4.89 8.75
N ASP B 138 4.17 5.90 9.27
CA ASP B 138 4.18 6.13 10.72
C ASP B 138 3.07 5.37 11.41
N GLY B 139 2.05 4.93 10.68
CA GLY B 139 0.90 4.28 11.28
C GLY B 139 0.64 2.93 10.65
N ILE B 140 -0.21 2.17 11.34
CA ILE B 140 -0.65 0.87 10.83
C ILE B 140 -1.85 1.00 9.90
N ALA B 141 -2.28 -0.12 9.33
CA ALA B 141 -3.39 -0.09 8.38
C ALA B 141 -4.73 0.09 9.09
N ASP B 142 -5.64 0.85 8.45
CA ASP B 142 -7.00 0.94 8.99
C ASP B 142 -7.82 -0.31 8.66
N THR B 143 -7.69 -0.81 7.43
CA THR B 143 -8.48 -1.92 6.94
C THR B 143 -7.59 -3.16 6.84
N LEU B 144 -8.11 -4.30 7.27
CA LEU B 144 -7.36 -5.55 7.20
C LEU B 144 -6.87 -5.76 5.78
N GLN B 145 -5.58 -6.09 5.65
CA GLN B 145 -4.92 -6.35 4.37
C GLN B 145 -4.62 -7.83 4.21
N TYR B 146 -4.42 -8.23 2.94
CA TYR B 146 -3.79 -9.52 2.68
C TYR B 146 -2.98 -9.45 1.40
N VAL B 147 -2.07 -10.41 1.26
CA VAL B 147 -1.26 -10.53 0.06
C VAL B 147 -0.93 -12.00 -0.20
N VAL B 148 -0.90 -12.38 -1.47
CA VAL B 148 -0.45 -13.71 -1.89
C VAL B 148 1.03 -13.67 -2.17
N THR B 149 1.75 -14.65 -1.62
CA THR B 149 3.20 -14.76 -1.76
C THR B 149 3.56 -16.24 -1.85
N THR B 150 4.88 -16.52 -1.80
CA THR B 150 5.39 -17.87 -2.08
C THR B 150 6.29 -18.32 -0.93
N VAL B 151 5.97 -19.50 -0.38
CA VAL B 151 6.81 -20.10 0.67
C VAL B 151 8.12 -20.53 0.04
N ARG B 152 9.23 -20.34 0.78
CA ARG B 152 10.53 -20.80 0.32
C ARG B 152 11.07 -21.85 1.29
N SER B 153 12.04 -22.58 0.79
CA SER B 153 12.73 -23.54 1.66
C SER B 153 13.71 -22.83 2.60
N THR B 154 14.16 -23.54 3.65
CA THR B 154 15.13 -22.93 4.57
C THR B 154 16.36 -22.42 3.83
N ALA B 155 16.93 -23.25 2.95
CA ALA B 155 18.14 -22.85 2.24
C ALA B 155 17.87 -21.65 1.35
N ASP B 156 16.73 -21.67 0.64
CA ASP B 156 16.37 -20.56 -0.25
C ASP B 156 16.16 -19.28 0.56
N CYS B 157 15.49 -19.40 1.70
CA CYS B 157 15.26 -18.26 2.60
CA CYS B 157 15.27 -18.25 2.56
C CYS B 157 16.59 -17.63 2.98
N ASN B 158 17.53 -18.45 3.44
CA ASN B 158 18.81 -17.88 3.87
C ASN B 158 19.59 -17.31 2.71
N ALA B 159 19.49 -17.91 1.53
CA ALA B 159 20.13 -17.35 0.34
C ALA B 159 19.60 -15.95 0.01
N ARG B 160 18.37 -15.66 0.43
CA ARG B 160 17.72 -14.37 0.17
C ARG B 160 17.94 -13.37 1.29
N MET B 161 18.61 -13.75 2.37
CA MET B 161 18.86 -12.89 3.53
C MET B 161 20.18 -12.14 3.37
N PRO B 162 20.37 -11.06 4.15
CA PRO B 162 21.71 -10.49 4.29
C PRO B 162 22.70 -11.56 4.71
N GLU B 163 23.93 -11.46 4.16
CA GLU B 163 24.94 -12.51 4.37
C GLU B 163 25.21 -12.78 5.84
N HIS B 164 25.17 -11.76 6.70
CA HIS B 164 25.46 -11.98 8.11
C HIS B 164 24.22 -12.24 8.94
N ILE B 165 23.04 -12.41 8.31
CA ILE B 165 21.80 -12.66 9.02
C ILE B 165 21.14 -13.92 8.46
N GLN B 166 21.95 -14.98 8.28
CA GLN B 166 21.41 -16.23 7.73
C GLN B 166 20.91 -17.10 8.88
N ASN B 167 19.85 -16.59 9.53
CA ASN B 167 19.35 -17.17 10.76
C ASN B 167 18.02 -17.86 10.58
N VAL B 168 17.62 -18.13 9.34
CA VAL B 168 16.36 -18.86 9.13
C VAL B 168 16.64 -20.33 9.41
N MET B 169 15.71 -20.94 10.14
CA MET B 169 15.84 -22.31 10.60
C MET B 169 14.58 -23.11 10.22
N ASP B 170 14.66 -24.43 10.39
CA ASP B 170 13.52 -25.26 10.02
C ASP B 170 12.29 -24.99 10.89
N GLN B 171 12.47 -24.43 12.10
CA GLN B 171 11.35 -24.01 12.93
C GLN B 171 10.64 -22.80 12.36
N HIS B 172 11.20 -22.17 11.35
CA HIS B 172 10.58 -21.05 10.65
C HIS B 172 9.92 -21.53 9.37
N ILE B 173 8.98 -20.72 8.88
CA ILE B 173 8.49 -20.83 7.51
C ILE B 173 8.57 -19.44 6.91
N CYS B 174 9.35 -19.29 5.85
CA CYS B 174 9.59 -17.94 5.29
C CYS B 174 8.95 -17.79 3.90
N VAL B 175 8.46 -16.59 3.61
CA VAL B 175 7.87 -16.28 2.32
C VAL B 175 8.69 -15.18 1.66
N HIS B 176 8.71 -15.18 0.33
CA HIS B 176 9.40 -14.11 -0.40
C HIS B 176 8.91 -14.12 -1.84
N SER B 177 8.70 -12.94 -2.39
CA SER B 177 8.39 -12.82 -3.81
C SER B 177 9.69 -12.70 -4.59
N ASP B 178 9.68 -13.19 -5.82
CA ASP B 178 10.89 -13.03 -6.62
C ASP B 178 11.06 -11.60 -7.09
N THR B 179 9.96 -10.83 -7.19
CA THR B 179 10.15 -9.43 -7.52
C THR B 179 10.63 -8.61 -6.32
N GLY B 180 10.49 -9.13 -5.10
CA GLY B 180 10.93 -8.46 -3.88
C GLY B 180 10.00 -7.34 -3.49
N THR B 181 8.68 -7.53 -3.69
CA THR B 181 7.70 -6.46 -3.57
C THR B 181 6.56 -6.66 -2.57
N THR B 182 6.48 -7.80 -1.86
CA THR B 182 5.40 -8.03 -0.90
C THR B 182 5.97 -8.56 0.42
N GLY B 183 5.22 -8.41 1.51
CA GLY B 183 5.71 -8.96 2.77
C GLY B 183 4.87 -8.48 3.94
N SER B 184 5.25 -8.95 5.14
CA SER B 184 4.59 -8.49 6.35
C SER B 184 5.34 -7.28 6.90
N CYS B 185 4.72 -6.59 7.87
CA CYS B 185 5.35 -5.41 8.47
C CYS B 185 4.95 -5.29 9.93
N GLN B 186 5.60 -4.35 10.60
CA GLN B 186 5.23 -4.02 11.98
C GLN B 186 3.72 -3.90 12.13
N GLY B 187 3.18 -4.60 13.13
CA GLY B 187 1.74 -4.69 13.34
C GLY B 187 1.10 -5.97 12.84
N ASP B 188 1.80 -6.70 11.97
CA ASP B 188 1.34 -8.01 11.48
C ASP B 188 1.79 -9.16 12.36
N SER B 189 2.80 -8.93 13.20
CA SER B 189 3.40 -9.99 14.03
C SER B 189 2.35 -10.72 14.83
N GLY B 190 2.50 -12.04 14.93
CA GLY B 190 1.53 -12.88 15.63
C GLY B 190 0.35 -13.34 14.81
N GLY B 191 0.18 -12.83 13.58
CA GLY B 191 -0.94 -13.22 12.74
C GLY B 191 -0.67 -14.45 11.91
N PRO B 192 -1.67 -14.87 11.14
CA PRO B 192 -1.59 -16.11 10.39
C PRO B 192 -0.99 -15.99 9.01
N MET B 193 -0.23 -17.01 8.64
CA MET B 193 0.03 -17.35 7.24
C MET B 193 -0.97 -18.43 6.84
N THR B 194 -1.82 -18.15 5.84
CA THR B 194 -2.87 -19.07 5.43
C THR B 194 -2.44 -19.78 4.16
N HIS B 195 -2.50 -21.10 4.17
CA HIS B 195 -2.07 -21.80 2.98
C HIS B 195 -2.98 -21.48 1.79
N GLY B 196 -2.37 -21.46 0.61
CA GLY B 196 -3.10 -21.32 -0.63
C GLY B 196 -3.28 -19.88 -1.08
N ALA B 197 -3.67 -19.73 -2.35
CA ALA B 197 -3.89 -18.39 -2.92
C ALA B 197 -5.31 -17.89 -2.76
N SER B 198 -6.27 -18.77 -2.48
CA SER B 198 -7.64 -18.34 -2.30
C SER B 198 -8.38 -19.42 -1.53
N GLY B 199 -9.58 -19.06 -1.07
CA GLY B 199 -10.42 -20.05 -0.45
C GLY B 199 -9.95 -20.34 0.96
N SER B 200 -10.58 -21.34 1.57
CA SER B 200 -10.20 -21.75 2.91
C SER B 200 -8.84 -22.43 2.88
N GLY B 201 -7.99 -22.16 3.85
CA GLY B 201 -6.71 -22.84 3.94
C GLY B 201 -6.28 -22.96 5.39
N ASN B 202 -5.45 -23.98 5.65
CA ASN B 202 -4.90 -24.17 6.98
C ASN B 202 -3.94 -23.04 7.33
N VAL B 203 -3.80 -22.78 8.64
CA VAL B 203 -2.82 -21.81 9.13
C VAL B 203 -1.48 -22.52 9.33
N ILE B 204 -0.46 -22.08 8.60
CA ILE B 204 0.83 -22.76 8.51
C ILE B 204 1.98 -21.97 9.13
N GLY B 205 1.76 -20.69 9.47
CA GLY B 205 2.79 -19.90 10.11
C GLY B 205 2.20 -18.83 11.01
N VAL B 206 3.07 -18.30 11.90
CA VAL B 206 2.77 -17.17 12.79
C VAL B 206 3.79 -16.07 12.52
N THR B 207 3.32 -14.85 12.17
CA THR B 207 4.23 -13.78 11.75
C THR B 207 5.24 -13.48 12.85
N SER B 208 6.54 -13.44 12.47
CA SER B 208 7.59 -13.22 13.48
C SER B 208 8.57 -12.08 13.17
N TRP B 209 9.36 -12.13 12.08
CA TRP B 209 10.33 -11.06 11.84
C TRP B 209 10.66 -10.88 10.36
N GLY B 210 11.44 -9.83 10.06
CA GLY B 210 11.89 -9.55 8.72
C GLY B 210 13.11 -8.64 8.86
N ILE B 211 13.49 -7.98 7.76
CA ILE B 211 14.69 -7.15 7.67
C ILE B 211 14.28 -5.71 7.39
N GLY B 212 14.95 -4.75 8.08
CA GLY B 212 14.69 -3.33 7.86
C GLY B 212 15.95 -2.52 7.59
N ASN B 213 15.73 -1.22 7.29
CA ASN B 213 16.84 -0.26 7.26
C ASN B 213 16.37 1.01 7.93
N PRO B 214 17.20 2.06 8.05
CA PRO B 214 16.78 3.23 8.84
C PRO B 214 15.63 4.03 8.25
N VAL B 215 15.24 3.80 6.99
CA VAL B 215 14.13 4.54 6.39
C VAL B 215 12.96 3.66 6.02
N GLU B 216 12.98 2.37 6.37
CA GLU B 216 11.92 1.46 5.95
C GLU B 216 12.10 0.22 6.81
N SER B 217 11.15 0.03 7.75
CA SER B 217 11.30 -0.98 8.80
C SER B 217 11.11 -2.41 8.34
N CYS B 218 10.45 -2.65 7.21
CA CYS B 218 10.09 -4.03 6.78
C CYS B 218 10.27 -4.20 5.26
N LEU B 219 11.48 -4.56 4.86
CA LEU B 219 11.82 -4.51 3.43
C LEU B 219 11.27 -5.73 2.72
N PRO B 220 10.44 -5.57 1.67
CA PRO B 220 10.03 -6.73 0.87
C PRO B 220 11.16 -7.28 0.03
N ASP B 221 12.28 -6.55 -0.08
CA ASP B 221 13.48 -7.02 -0.75
C ASP B 221 14.05 -8.28 -0.10
N PHE B 222 13.66 -8.56 1.14
CA PHE B 222 14.10 -9.70 1.93
C PHE B 222 12.91 -10.48 2.42
N PRO B 223 13.07 -11.76 2.76
CA PRO B 223 11.91 -12.54 3.17
C PRO B 223 11.25 -12.03 4.42
N SER B 224 10.00 -12.47 4.60
CA SER B 224 9.30 -12.35 5.87
C SER B 224 9.34 -13.71 6.54
N VAL B 225 9.63 -13.74 7.85
CA VAL B 225 9.89 -15.00 8.55
C VAL B 225 8.78 -15.24 9.55
N TYR B 226 8.17 -16.42 9.48
CA TYR B 226 7.11 -16.85 10.38
C TYR B 226 7.59 -18.03 11.22
N ALA B 227 7.00 -18.20 12.40
CA ALA B 227 7.15 -19.45 13.13
C ALA B 227 6.34 -20.52 12.41
N ARG B 228 6.96 -21.67 12.14
CA ARG B 228 6.32 -22.76 11.39
C ARG B 228 5.35 -23.56 12.26
N VAL B 229 4.07 -23.56 11.89
CA VAL B 229 3.06 -24.19 12.75
C VAL B 229 3.30 -25.69 12.89
N SER B 230 3.71 -26.36 11.80
CA SER B 230 3.93 -27.81 11.91
C SER B 230 5.02 -28.11 12.94
N TYR B 231 6.07 -27.30 12.97
CA TYR B 231 7.13 -27.52 13.95
C TYR B 231 6.63 -27.35 15.38
N PHE B 232 5.75 -26.38 15.62
CA PHE B 232 5.28 -26.07 16.96
C PHE B 232 3.93 -26.68 17.30
N ARG B 233 3.33 -27.48 16.41
CA ARG B 233 1.95 -27.92 16.57
C ARG B 233 1.75 -28.69 17.87
N ALA B 234 2.62 -29.67 18.15
CA ALA B 234 2.49 -30.46 19.37
C ALA B 234 2.57 -29.58 20.61
N TRP B 235 3.49 -28.60 20.62
CA TRP B 235 3.61 -27.71 21.75
C TRP B 235 2.36 -26.83 21.89
N ILE B 236 1.86 -26.29 20.77
CA ILE B 236 0.65 -25.47 20.82
C ILE B 236 -0.49 -26.27 21.41
N ASP B 237 -0.63 -27.52 20.95
CA ASP B 237 -1.74 -28.37 21.39
C ASP B 237 -1.63 -28.69 22.88
N ALA B 238 -0.39 -28.86 23.38
CA ALA B 238 -0.14 -29.19 24.78
C ALA B 238 -0.25 -28.00 25.69
N ASN B 239 -0.28 -26.79 25.15
CA ASN B 239 -0.36 -25.58 25.94
C ASN B 239 -1.63 -24.82 25.55
C PMS C . -5.27 7.47 -14.42
S PMS C . -6.50 8.32 -13.39
C1 PMS C . -5.23 5.93 -14.36
C2 PMS C . -6.20 5.15 -14.98
C3 PMS C . -6.12 3.76 -14.94
C4 PMS C . -5.06 3.17 -14.29
C5 PMS C . -4.08 3.96 -13.70
C6 PMS C . -4.16 5.34 -13.73
O2S PMS C . -6.29 8.09 -11.96
O1S PMS C . -7.90 7.96 -13.60
S SO4 D . -5.34 -6.68 -20.20
O1 SO4 D . -5.82 -8.01 -19.81
O2 SO4 D . -3.89 -6.66 -20.02
O3 SO4 D . -5.70 -6.41 -21.60
O4 SO4 D . -5.96 -5.70 -19.33
S SO4 E . 7.50 30.37 4.35
O1 SO4 E . 6.74 31.54 4.80
O2 SO4 E . 8.27 30.73 3.17
O3 SO4 E . 8.37 29.90 5.42
O4 SO4 E . 6.57 29.31 4.01
C1 GOL F . 13.28 -1.00 -10.67
O1 GOL F . 12.59 -2.28 -10.58
C2 GOL F . 13.87 -0.82 -12.12
O2 GOL F . 12.97 -1.02 -13.00
C3 GOL F . 14.45 0.54 -12.28
O3 GOL F . 14.96 0.58 -13.57
C1 GOL G . -6.94 28.95 -16.46
O1 GOL G . -5.82 29.70 -16.90
C2 GOL G . -8.14 29.14 -17.41
O2 GOL G . -8.62 30.48 -17.42
C3 GOL G . -9.20 28.11 -16.87
O3 GOL G . -10.37 28.25 -17.63
C1 GOL H . -8.39 25.59 5.79
O1 GOL H . -8.16 26.36 6.96
C2 GOL H . -8.16 26.63 4.64
O2 GOL H . -9.03 27.73 4.77
C3 GOL H . -8.39 25.89 3.37
O3 GOL H . -9.62 25.21 3.53
C PMS I . 7.82 -7.81 13.67
S PMS I . 6.08 -8.16 13.30
C1 PMS I . 8.40 -6.87 12.59
C2 PMS I . 8.74 -7.34 11.33
C3 PMS I . 9.27 -6.48 10.37
C4 PMS I . 9.44 -5.14 10.68
C5 PMS I . 9.10 -4.65 11.94
C6 PMS I . 8.57 -5.51 12.89
O2S PMS I . 5.21 -7.00 13.41
O1S PMS I . 5.96 -8.66 11.91
S SO4 J . 6.99 -13.74 -7.57
O1 SO4 J . 5.74 -13.22 -7.02
O2 SO4 J . 6.76 -14.65 -8.70
O3 SO4 J . 7.75 -12.56 -8.03
O4 SO4 J . 7.76 -14.49 -6.57
S SO4 K . -18.20 -4.69 5.98
O1 SO4 K . -18.61 -6.06 6.24
O2 SO4 K . -18.57 -4.29 4.62
O3 SO4 K . -18.86 -3.79 6.93
O4 SO4 K . -16.76 -4.60 6.16
C1 GOL L . -2.14 -19.75 28.09
O1 GOL L . -1.61 -19.71 29.40
C2 GOL L . -3.34 -20.71 28.04
O2 GOL L . -3.27 -21.77 28.92
C3 GOL L . -3.46 -21.07 26.54
O3 GOL L . -4.12 -22.30 26.39
OH2 1PE M . 12.77 3.03 10.02
C12 1PE M . 12.49 2.08 11.01
C22 1PE M . 13.82 1.57 11.53
OH3 1PE M . 13.55 0.56 12.46
C13 1PE M . 12.64 -1.57 12.97
C23 1PE M . 13.27 -0.68 11.89
OH4 1PE M . 12.46 -2.84 12.39
C14 1PE M . 13.50 -4.66 11.22
C24 1PE M . 13.67 -3.48 12.15
OH5 1PE M . 12.76 -5.63 11.90
C15 1PE M . 12.72 -7.48 13.43
C25 1PE M . 13.47 -6.26 12.92
OH6 1PE M . 13.49 -8.01 14.47
C16 1PE M . 15.57 -9.01 15.20
C26 1PE M . 14.75 -8.43 14.05
OH7 1PE M . 16.70 -9.61 14.62
#